data_7RGK
#
_entry.id   7RGK
#
_cell.length_a   99.420
_cell.length_b   99.420
_cell.length_c   43.406
_cell.angle_alpha   90.000
_cell.angle_beta   90.000
_cell.angle_gamma   90.000
#
_symmetry.space_group_name_H-M   'P 43'
#
loop_
_entity.id
_entity.type
_entity.pdbx_description
1 polymer 'Dihydrofolate reductase type 5'
2 non-polymer 'NADP NICOTINAMIDE-ADENINE-DINUCLEOTIDE PHOSPHATE'
3 non-polymer 'SULFATE ION'
4 non-polymer 5-[(3R)-3-{7-[4-(aminomethyl)phenyl]-2H-1,3-benzodioxol-5-yl}but-1-yn-1-yl]-6-ethylpyrimidine-2,4-diamine
5 water water
#
_entity_poly.entity_id   1
_entity_poly.type   'polypeptide(L)'
_entity_poly.pdbx_seq_one_letter_code
;MKVSLMAAKAKNGVIGCGPHIPWSAKGEQLLFKALTYNQWLLVGRKTFESMGALPNRKYAVVTRSAWTADNDNVIVFPSI
EEAMYGLAELTDHVIVSGGGEIYRETLPMASTLHISTIDIEPEGDVFFPNIPNTFEVVFEQHFSSNINYCYQIWQKG
;
_entity_poly.pdbx_strand_id   A,B
#
# COMPACT_ATOMS: atom_id res chain seq x y z
N MET A 1 -20.59 -2.98 -7.53
CA MET A 1 -19.50 -3.35 -6.65
C MET A 1 -18.26 -3.70 -7.45
N LYS A 2 -17.13 -3.15 -7.04
CA LYS A 2 -15.89 -3.31 -7.78
C LYS A 2 -15.13 -4.52 -7.25
N VAL A 3 -14.46 -5.25 -8.15
CA VAL A 3 -13.65 -6.42 -7.78
C VAL A 3 -12.19 -6.06 -8.00
N SER A 4 -11.39 -6.20 -6.95
CA SER A 4 -9.93 -6.15 -7.05
C SER A 4 -9.37 -7.54 -6.82
N LEU A 5 -8.17 -7.77 -7.34
CA LEU A 5 -7.42 -9.00 -7.12
C LEU A 5 -6.07 -8.65 -6.51
N MET A 6 -5.67 -9.36 -5.45
CA MET A 6 -4.36 -9.15 -4.85
C MET A 6 -3.59 -10.45 -4.75
N ALA A 7 -2.40 -10.50 -5.36
CA ALA A 7 -1.63 -11.73 -5.33
C ALA A 7 -0.14 -11.42 -5.31
N ALA A 8 0.63 -12.39 -4.82
CA ALA A 8 2.08 -12.40 -4.90
C ALA A 8 2.50 -13.63 -5.69
N LYS A 9 3.40 -13.44 -6.65
CA LYS A 9 3.88 -14.54 -7.48
C LYS A 9 5.39 -14.44 -7.64
N ALA A 10 6.04 -15.60 -7.74
CA ALA A 10 7.46 -15.68 -8.02
C ALA A 10 7.74 -15.36 -9.48
N LYS A 11 9.02 -15.14 -9.81
CA LYS A 11 9.36 -14.75 -11.18
C LYS A 11 9.01 -15.85 -12.19
N ASN A 12 8.89 -17.10 -11.75
CA ASN A 12 8.51 -18.19 -12.64
C ASN A 12 7.01 -18.46 -12.63
N GLY A 13 6.20 -17.56 -12.06
CA GLY A 13 4.76 -17.73 -12.00
C GLY A 13 4.25 -18.53 -10.81
N VAL A 14 5.11 -19.16 -10.02
CA VAL A 14 4.64 -19.98 -8.90
C VAL A 14 3.98 -19.11 -7.84
N ILE A 15 2.83 -19.56 -7.34
CA ILE A 15 2.19 -18.95 -6.18
C ILE A 15 2.02 -19.90 -5.02
N GLY A 16 2.19 -21.20 -5.21
CA GLY A 16 2.02 -22.12 -4.12
C GLY A 16 2.74 -23.43 -4.39
N CYS A 17 3.00 -24.16 -3.31
CA CYS A 17 3.65 -25.46 -3.38
C CYS A 17 3.00 -26.29 -2.29
N GLY A 18 2.10 -27.18 -2.68
CA GLY A 18 1.20 -27.79 -1.72
C GLY A 18 0.40 -26.69 -1.10
N PRO A 19 0.15 -26.77 0.21
CA PRO A 19 -0.63 -25.72 0.90
C PRO A 19 0.18 -24.50 1.31
N HIS A 20 1.46 -24.40 0.94
CA HIS A 20 2.35 -23.34 1.39
C HIS A 20 2.65 -22.37 0.25
N ILE A 21 3.03 -21.15 0.62
CA ILE A 21 3.61 -20.19 -0.31
C ILE A 21 5.12 -20.30 -0.20
N PRO A 22 5.84 -20.69 -1.26
CA PRO A 22 7.25 -21.11 -1.11
C PRO A 22 8.25 -19.95 -1.16
N TRP A 23 8.09 -18.99 -0.25
CA TRP A 23 9.07 -17.92 -0.05
C TRP A 23 8.69 -17.11 1.18
N SER A 24 9.68 -16.38 1.70
CA SER A 24 9.46 -15.41 2.77
C SER A 24 10.16 -14.11 2.39
N ALA A 25 9.42 -13.17 1.81
CA ALA A 25 9.97 -11.88 1.44
C ALA A 25 9.57 -10.86 2.49
N LYS A 26 10.53 -10.45 3.31
CA LYS A 26 10.27 -9.51 4.40
C LYS A 26 9.76 -8.20 3.84
N GLY A 27 8.63 -7.73 4.36
CA GLY A 27 8.05 -6.50 3.86
C GLY A 27 6.85 -6.69 2.94
N GLU A 28 6.88 -7.73 2.08
CA GLU A 28 5.80 -7.89 1.11
C GLU A 28 4.45 -7.99 1.78
N GLN A 29 4.39 -8.71 2.90
CA GLN A 29 3.14 -8.90 3.65
C GLN A 29 2.51 -7.55 4.04
N LEU A 30 3.32 -6.51 4.21
CA LEU A 30 2.79 -5.21 4.60
C LEU A 30 1.82 -4.68 3.55
N LEU A 31 2.20 -4.79 2.27
CA LEU A 31 1.30 -4.34 1.20
C LEU A 31 -0.04 -5.03 1.31
N PHE A 32 -0.02 -6.36 1.48
CA PHE A 32 -1.26 -7.11 1.55
C PHE A 32 -2.08 -6.69 2.76
N LYS A 33 -1.45 -6.61 3.95
CA LYS A 33 -2.17 -6.16 5.13
C LYS A 33 -2.70 -4.75 4.97
N ALA A 34 -1.89 -3.83 4.42
CA ALA A 34 -2.32 -2.44 4.32
C ALA A 34 -3.49 -2.27 3.33
N LEU A 35 -3.44 -2.93 2.18
CA LEU A 35 -4.54 -2.74 1.24
C LEU A 35 -5.79 -3.51 1.59
N THR A 36 -5.72 -4.54 2.45
CA THR A 36 -6.91 -5.30 2.79
C THR A 36 -7.54 -4.87 4.10
N TYR A 37 -6.93 -3.91 4.81
CA TYR A 37 -7.44 -3.50 6.11
C TYR A 37 -8.90 -3.12 6.04
N ASN A 38 -9.72 -3.80 6.87
CA ASN A 38 -11.16 -3.60 6.93
C ASN A 38 -11.84 -3.72 5.56
N GLN A 39 -11.26 -4.52 4.67
CA GLN A 39 -11.88 -4.80 3.39
C GLN A 39 -12.55 -6.17 3.44
N TRP A 40 -13.47 -6.39 2.51
CA TRP A 40 -14.02 -7.73 2.30
C TRP A 40 -13.09 -8.52 1.39
N LEU A 41 -12.74 -9.73 1.78
CA LEU A 41 -11.90 -10.59 0.95
C LEU A 41 -12.72 -11.78 0.46
N LEU A 42 -12.50 -12.15 -0.79
CA LEU A 42 -13.03 -13.39 -1.35
C LEU A 42 -11.88 -14.39 -1.46
N VAL A 43 -12.04 -15.55 -0.82
CA VAL A 43 -11.00 -16.58 -0.86
C VAL A 43 -11.62 -17.95 -1.04
N GLY A 44 -10.84 -18.86 -1.62
CA GLY A 44 -11.24 -20.24 -1.70
C GLY A 44 -11.15 -20.94 -0.36
N ARG A 45 -11.92 -22.03 -0.24
CA ARG A 45 -12.02 -22.72 1.04
C ARG A 45 -10.67 -23.24 1.51
N LYS A 46 -9.84 -23.73 0.59
CA LYS A 46 -8.55 -24.27 1.00
C LYS A 46 -7.65 -23.18 1.54
N THR A 47 -7.64 -22.02 0.87
CA THR A 47 -6.81 -20.92 1.35
C THR A 47 -7.33 -20.39 2.67
N PHE A 48 -8.64 -20.27 2.80
CA PHE A 48 -9.19 -19.81 4.07
C PHE A 48 -8.79 -20.74 5.21
N GLU A 49 -8.82 -22.06 4.99
CA GLU A 49 -8.43 -22.99 6.05
C GLU A 49 -6.96 -22.87 6.41
N SER A 50 -6.11 -22.50 5.45
CA SER A 50 -4.70 -22.32 5.75
C SER A 50 -4.43 -21.07 6.58
N MET A 51 -5.07 -19.95 6.24
CA MET A 51 -4.76 -18.72 6.95
C MET A 51 -5.71 -18.43 8.11
N GLY A 52 -6.97 -18.82 8.00
CA GLY A 52 -7.96 -18.48 9.01
C GLY A 52 -8.39 -17.02 8.95
N ALA A 53 -9.35 -16.68 9.82
CA ALA A 53 -9.98 -15.35 9.83
C ALA A 53 -9.10 -14.39 10.63
N LEU A 54 -8.08 -13.83 9.95
CA LEU A 54 -7.18 -12.93 10.64
C LEU A 54 -7.88 -11.59 10.89
N PRO A 55 -7.51 -10.89 11.96
CA PRO A 55 -8.36 -9.78 12.43
C PRO A 55 -8.46 -8.64 11.43
N ASN A 56 -9.50 -7.83 11.61
CA ASN A 56 -9.67 -6.57 10.89
C ASN A 56 -10.01 -6.75 9.41
N ARG A 57 -10.50 -7.93 9.03
CA ARG A 57 -10.94 -8.21 7.66
C ARG A 57 -12.23 -9.00 7.77
N LYS A 58 -12.99 -9.02 6.66
CA LYS A 58 -14.23 -9.78 6.56
C LYS A 58 -14.10 -10.73 5.39
N TYR A 59 -14.61 -11.94 5.53
CA TYR A 59 -14.29 -12.97 4.56
C TYR A 59 -15.55 -13.53 3.93
N ALA A 60 -15.49 -13.68 2.61
CA ALA A 60 -16.43 -14.48 1.84
C ALA A 60 -15.69 -15.70 1.33
N VAL A 61 -16.16 -16.88 1.70
CA VAL A 61 -15.51 -18.13 1.34
C VAL A 61 -16.47 -18.92 0.47
N VAL A 62 -15.95 -19.52 -0.61
CA VAL A 62 -16.77 -20.36 -1.48
C VAL A 62 -16.40 -21.82 -1.27
N THR A 63 -17.42 -22.67 -1.24
CA THR A 63 -17.20 -24.13 -1.17
C THR A 63 -18.26 -24.80 -2.03
N ARG A 64 -17.91 -25.94 -2.60
CA ARG A 64 -18.87 -26.77 -3.31
C ARG A 64 -19.47 -27.86 -2.43
N SER A 65 -18.96 -28.01 -1.22
CA SER A 65 -19.43 -29.01 -0.28
C SER A 65 -20.28 -28.30 0.77
N ALA A 66 -20.55 -29.00 1.87
CA ALA A 66 -21.31 -28.40 2.97
C ALA A 66 -20.41 -27.75 4.00
N TRP A 67 -19.13 -27.56 3.70
CA TRP A 67 -18.18 -27.00 4.65
C TRP A 67 -18.69 -25.69 5.21
N THR A 68 -18.48 -25.48 6.50
CA THR A 68 -18.91 -24.25 7.15
C THR A 68 -17.75 -23.69 7.94
N ALA A 69 -17.77 -22.37 8.12
CA ALA A 69 -16.91 -21.71 9.08
C ALA A 69 -17.59 -21.72 10.44
N ASP A 70 -16.87 -21.26 11.45
CA ASP A 70 -17.39 -21.19 12.80
C ASP A 70 -17.11 -19.82 13.38
N ASN A 71 -17.47 -18.78 12.65
CA ASN A 71 -16.89 -17.46 12.90
C ASN A 71 -17.86 -16.46 12.29
N ASP A 72 -18.51 -15.65 13.15
CA ASP A 72 -19.53 -14.70 12.68
C ASP A 72 -18.92 -13.57 11.79
N ASN A 73 -17.62 -13.61 11.49
CA ASN A 73 -16.90 -12.73 10.57
C ASN A 73 -16.70 -13.34 9.17
N VAL A 74 -17.28 -14.51 8.91
CA VAL A 74 -17.10 -15.22 7.65
C VAL A 74 -18.46 -15.55 7.10
N ILE A 75 -18.64 -15.39 5.78
CA ILE A 75 -19.85 -15.84 5.13
C ILE A 75 -19.45 -16.86 4.09
N VAL A 76 -20.07 -18.03 4.16
CA VAL A 76 -19.76 -19.11 3.24
C VAL A 76 -20.81 -19.09 2.15
N PHE A 77 -20.38 -19.15 0.91
CA PHE A 77 -21.29 -19.17 -0.22
C PHE A 77 -21.09 -20.43 -1.02
N PRO A 78 -22.14 -20.91 -1.69
CA PRO A 78 -22.01 -22.12 -2.52
C PRO A 78 -21.42 -21.86 -3.90
N SER A 79 -21.20 -20.59 -4.29
CA SER A 79 -20.66 -20.30 -5.61
C SER A 79 -20.16 -18.86 -5.64
N ILE A 80 -19.31 -18.57 -6.64
CA ILE A 80 -18.76 -17.23 -6.80
C ILE A 80 -19.86 -16.25 -7.20
N GLU A 81 -20.78 -16.68 -8.07
CA GLU A 81 -21.92 -15.83 -8.41
C GLU A 81 -22.74 -15.51 -7.17
N GLU A 82 -22.97 -16.49 -6.31
CA GLU A 82 -23.73 -16.22 -5.10
C GLU A 82 -22.94 -15.32 -4.15
N ALA A 83 -21.63 -15.49 -4.06
CA ALA A 83 -20.84 -14.62 -3.22
C ALA A 83 -20.87 -13.18 -3.72
N MET A 84 -20.83 -13.01 -5.05
CA MET A 84 -20.85 -11.67 -5.63
C MET A 84 -22.17 -10.97 -5.33
N TYR A 85 -23.29 -11.67 -5.50
CA TYR A 85 -24.57 -11.03 -5.21
C TYR A 85 -24.71 -10.72 -3.72
N GLY A 86 -24.25 -11.65 -2.88
CA GLY A 86 -24.30 -11.41 -1.45
C GLY A 86 -23.45 -10.23 -1.01
N LEU A 87 -22.20 -10.19 -1.46
CA LEU A 87 -21.33 -9.08 -1.06
C LEU A 87 -21.90 -7.74 -1.51
N ALA A 88 -22.56 -7.71 -2.68
CA ALA A 88 -23.06 -6.47 -3.25
C ALA A 88 -24.08 -5.81 -2.34
N GLU A 89 -24.80 -6.60 -1.55
CA GLU A 89 -25.69 -6.00 -0.57
C GLU A 89 -24.91 -5.30 0.53
N LEU A 90 -23.70 -5.77 0.83
CA LEU A 90 -22.96 -5.34 2.01
C LEU A 90 -21.81 -4.38 1.73
N THR A 91 -21.32 -4.29 0.50
CA THR A 91 -20.09 -3.54 0.26
C THR A 91 -20.03 -3.09 -1.19
N ASP A 92 -19.25 -2.04 -1.43
CA ASP A 92 -18.96 -1.58 -2.77
C ASP A 92 -17.69 -2.20 -3.35
N HIS A 93 -17.01 -3.07 -2.61
CA HIS A 93 -15.67 -3.46 -3.02
C HIS A 93 -15.29 -4.79 -2.39
N VAL A 94 -14.77 -5.70 -3.19
CA VAL A 94 -14.25 -6.95 -2.66
C VAL A 94 -12.86 -7.18 -3.24
N ILE A 95 -11.98 -7.79 -2.45
CA ILE A 95 -10.62 -8.07 -2.87
C ILE A 95 -10.45 -9.58 -2.92
N VAL A 96 -10.16 -10.09 -4.11
CA VAL A 96 -9.93 -11.52 -4.32
C VAL A 96 -8.52 -11.82 -3.85
N SER A 97 -8.40 -12.73 -2.88
CA SER A 97 -7.13 -12.92 -2.21
C SER A 97 -6.61 -14.33 -2.34
N GLY A 98 -7.32 -15.19 -3.06
CA GLY A 98 -6.56 -16.28 -3.55
C GLY A 98 -7.20 -17.60 -3.31
N GLY A 99 -6.32 -18.59 -3.37
CA GLY A 99 -6.46 -19.77 -4.15
C GLY A 99 -6.03 -19.61 -5.60
N GLY A 100 -5.21 -20.53 -6.09
CA GLY A 100 -4.97 -20.58 -7.52
C GLY A 100 -6.26 -20.73 -8.31
N GLU A 101 -7.14 -21.63 -7.87
CA GLU A 101 -8.43 -21.79 -8.55
C GLU A 101 -9.23 -20.50 -8.53
N ILE A 102 -9.35 -19.86 -7.35
CA ILE A 102 -10.14 -18.64 -7.23
C ILE A 102 -9.62 -17.56 -8.16
N TYR A 103 -8.29 -17.45 -8.26
CA TYR A 103 -7.67 -16.48 -9.16
C TYR A 103 -8.08 -16.70 -10.62
N ARG A 104 -8.01 -17.96 -11.09
CA ARG A 104 -8.33 -18.24 -12.49
C ARG A 104 -9.80 -17.96 -12.77
N GLU A 105 -10.67 -18.27 -11.81
CA GLU A 105 -12.11 -18.06 -11.96
C GLU A 105 -12.51 -16.59 -11.89
N THR A 106 -11.69 -15.71 -11.27
CA THR A 106 -12.16 -14.34 -11.03
C THR A 106 -11.35 -13.27 -11.73
N LEU A 107 -10.16 -13.59 -12.25
CA LEU A 107 -9.42 -12.64 -13.06
C LEU A 107 -10.28 -11.92 -14.12
N PRO A 108 -11.20 -12.59 -14.83
CA PRO A 108 -12.06 -11.85 -15.76
C PRO A 108 -13.01 -10.86 -15.10
N MET A 109 -13.30 -11.00 -13.81
CA MET A 109 -14.19 -10.05 -13.16
C MET A 109 -13.49 -8.82 -12.61
N ALA A 110 -12.15 -8.85 -12.53
CA ALA A 110 -11.39 -7.86 -11.79
C ALA A 110 -11.16 -6.59 -12.62
N SER A 111 -11.38 -5.42 -12.02
CA SER A 111 -11.01 -4.17 -12.68
C SER A 111 -9.65 -3.62 -12.24
N THR A 112 -9.06 -4.15 -11.17
CA THR A 112 -7.78 -3.67 -10.64
C THR A 112 -7.03 -4.85 -10.08
N LEU A 113 -5.75 -5.00 -10.44
CA LEU A 113 -4.94 -6.06 -9.86
C LEU A 113 -3.81 -5.46 -9.05
N HIS A 114 -3.55 -6.04 -7.87
CA HIS A 114 -2.40 -5.74 -7.05
C HIS A 114 -1.46 -6.93 -7.09
N ILE A 115 -0.32 -6.76 -7.76
CA ILE A 115 0.56 -7.90 -8.09
C ILE A 115 1.93 -7.64 -7.53
N SER A 116 2.36 -8.48 -6.61
CA SER A 116 3.73 -8.46 -6.14
C SER A 116 4.51 -9.56 -6.85
N THR A 117 5.62 -9.21 -7.48
CA THR A 117 6.46 -10.21 -8.10
C THR A 117 7.72 -10.37 -7.28
N ILE A 118 7.97 -11.59 -6.83
CA ILE A 118 9.03 -11.94 -5.90
C ILE A 118 10.23 -12.41 -6.68
N ASP A 119 11.42 -11.95 -6.32
CA ASP A 119 12.64 -12.22 -7.07
C ASP A 119 13.19 -13.59 -6.65
N ILE A 120 12.47 -14.63 -7.08
CA ILE A 120 12.80 -16.01 -6.75
C ILE A 120 12.13 -16.90 -7.77
N GLU A 121 12.71 -18.08 -7.99
CA GLU A 121 12.19 -19.07 -8.92
C GLU A 121 12.14 -20.40 -8.18
N PRO A 122 11.17 -20.57 -7.28
CA PRO A 122 11.08 -21.78 -6.47
C PRO A 122 10.31 -22.85 -7.22
N GLU A 123 10.26 -24.03 -6.63
CA GLU A 123 9.45 -25.09 -7.17
C GLU A 123 8.08 -25.09 -6.49
N GLY A 124 7.07 -25.46 -7.24
CA GLY A 124 5.73 -25.54 -6.72
C GLY A 124 4.82 -25.99 -7.82
N ASP A 125 3.59 -26.33 -7.43
CA ASP A 125 2.61 -26.89 -8.34
C ASP A 125 1.44 -25.96 -8.62
N VAL A 126 1.45 -24.74 -8.07
CA VAL A 126 0.34 -23.81 -8.20
C VAL A 126 0.86 -22.51 -8.81
N PHE A 127 0.15 -22.00 -9.81
CA PHE A 127 0.65 -20.93 -10.66
C PHE A 127 -0.38 -19.82 -10.81
N PHE A 128 0.13 -18.59 -10.98
CA PHE A 128 -0.75 -17.47 -11.26
C PHE A 128 -1.06 -17.42 -12.75
N PRO A 129 -2.28 -17.01 -13.13
CA PRO A 129 -2.62 -16.92 -14.55
C PRO A 129 -1.81 -15.84 -15.23
N ASN A 130 -1.74 -15.93 -16.56
CA ASN A 130 -1.12 -14.88 -17.33
C ASN A 130 -1.99 -13.63 -17.25
N ILE A 131 -1.35 -12.47 -17.08
CA ILE A 131 -2.15 -11.24 -16.97
C ILE A 131 -2.57 -10.82 -18.36
N PRO A 132 -3.87 -10.75 -18.66
CA PRO A 132 -4.27 -10.43 -20.03
C PRO A 132 -4.01 -8.96 -20.34
N ASN A 133 -3.77 -8.66 -21.62
CA ASN A 133 -3.46 -7.28 -21.97
C ASN A 133 -4.69 -6.40 -22.00
N THR A 134 -5.82 -6.88 -21.50
CA THR A 134 -6.92 -6.02 -21.07
C THR A 134 -6.58 -5.17 -19.84
N PHE A 135 -5.44 -5.40 -19.19
CA PHE A 135 -4.97 -4.62 -18.05
C PHE A 135 -3.66 -3.93 -18.40
N GLU A 136 -3.41 -2.77 -17.79
CA GLU A 136 -2.09 -2.16 -17.90
C GLU A 136 -1.65 -1.62 -16.56
N VAL A 137 -0.32 -1.58 -16.38
CA VAL A 137 0.30 -1.05 -15.17
C VAL A 137 0.10 0.46 -15.11
N VAL A 138 -0.42 0.96 -13.98
CA VAL A 138 -0.49 2.39 -13.72
C VAL A 138 0.43 2.82 -12.59
N PHE A 139 0.97 1.89 -11.80
CA PHE A 139 1.87 2.25 -10.72
C PHE A 139 2.83 1.10 -10.48
N GLU A 140 4.04 1.43 -10.03
CA GLU A 140 5.07 0.41 -9.85
C GLU A 140 6.09 0.91 -8.84
N GLN A 141 6.50 0.04 -7.92
CA GLN A 141 7.56 0.35 -6.97
C GLN A 141 8.36 -0.91 -6.62
N HIS A 142 9.69 -0.76 -6.61
CA HIS A 142 10.62 -1.85 -6.30
C HIS A 142 11.01 -1.79 -4.83
N PHE A 143 11.21 -2.96 -4.23
CA PHE A 143 11.64 -3.08 -2.84
C PHE A 143 12.87 -3.98 -2.75
N SER A 144 13.92 -3.49 -2.09
CA SER A 144 15.06 -4.34 -1.76
C SER A 144 14.85 -4.95 -0.39
N SER A 145 15.04 -6.26 -0.29
CA SER A 145 14.82 -7.00 0.94
C SER A 145 15.66 -8.28 0.89
N ASN A 146 15.47 -9.16 1.88
CA ASN A 146 16.15 -10.45 1.84
C ASN A 146 15.85 -11.19 0.54
N ILE A 147 14.62 -11.06 0.05
CA ILE A 147 14.24 -11.40 -1.32
C ILE A 147 13.61 -10.15 -1.88
N ASN A 148 14.11 -9.64 -3.01
CA ASN A 148 13.56 -8.40 -3.54
C ASN A 148 12.16 -8.64 -4.10
N TYR A 149 11.38 -7.58 -4.21
CA TYR A 149 10.08 -7.74 -4.83
C TYR A 149 9.66 -6.43 -5.49
N CYS A 150 8.82 -6.57 -6.51
CA CYS A 150 8.25 -5.46 -7.24
C CYS A 150 6.74 -5.47 -7.08
N TYR A 151 6.17 -4.33 -6.71
CA TYR A 151 4.73 -4.15 -6.55
C TYR A 151 4.18 -3.34 -7.73
N GLN A 152 3.18 -3.90 -8.42
CA GLN A 152 2.54 -3.18 -9.52
C GLN A 152 1.03 -3.16 -9.34
N ILE A 153 0.40 -2.06 -9.72
CA ILE A 153 -1.05 -1.98 -9.79
C ILE A 153 -1.46 -1.90 -11.25
N TRP A 154 -2.34 -2.81 -11.66
CA TRP A 154 -2.87 -2.91 -13.01
C TRP A 154 -4.31 -2.47 -13.03
N GLN A 155 -4.69 -1.69 -14.04
CA GLN A 155 -6.08 -1.30 -14.20
C GLN A 155 -6.63 -1.81 -15.53
N LYS A 156 -7.93 -2.05 -15.57
CA LYS A 156 -8.61 -2.53 -16.76
C LYS A 156 -9.13 -1.34 -17.56
N GLY A 157 -9.01 -1.44 -18.89
CA GLY A 157 -9.67 -0.54 -19.85
C GLY A 157 -9.85 0.92 -19.46
N MET B 1 17.24 9.68 -10.19
CA MET B 1 16.49 9.29 -8.99
C MET B 1 15.02 9.65 -9.08
N LYS B 2 14.14 8.70 -8.76
CA LYS B 2 12.72 8.99 -8.69
C LYS B 2 12.37 9.64 -7.37
N VAL B 3 11.45 10.59 -7.42
CA VAL B 3 10.95 11.27 -6.24
C VAL B 3 9.46 10.97 -6.14
N SER B 4 9.06 10.33 -5.05
CA SER B 4 7.68 10.19 -4.68
C SER B 4 7.41 11.05 -3.46
N LEU B 5 6.13 11.27 -3.21
CA LEU B 5 5.70 12.05 -2.08
C LEU B 5 4.53 11.32 -1.46
N MET B 6 4.53 11.18 -0.13
CA MET B 6 3.46 10.47 0.56
C MET B 6 2.93 11.29 1.71
N ALA B 7 1.62 11.42 1.79
CA ALA B 7 1.05 12.29 2.80
C ALA B 7 -0.35 11.80 3.15
N ALA B 8 -0.76 12.09 4.38
CA ALA B 8 -2.14 11.96 4.81
C ALA B 8 -2.66 13.35 5.14
N LYS B 9 -3.82 13.72 4.60
CA LYS B 9 -4.39 15.05 4.83
C LYS B 9 -5.87 14.94 5.16
N ALA B 10 -6.34 15.79 6.06
CA ALA B 10 -7.76 15.85 6.35
C ALA B 10 -8.49 16.54 5.19
N LYS B 11 -9.82 16.41 5.19
CA LYS B 11 -10.63 16.96 4.10
C LYS B 11 -10.57 18.47 4.01
N ASN B 12 -10.15 19.15 5.08
CA ASN B 12 -9.92 20.58 5.00
C ASN B 12 -8.46 20.90 4.73
N GLY B 13 -7.66 19.93 4.31
CA GLY B 13 -6.26 20.15 4.00
C GLY B 13 -5.32 20.21 5.18
N VAL B 14 -5.82 20.17 6.42
CA VAL B 14 -4.93 20.17 7.58
C VAL B 14 -4.09 18.91 7.60
N ILE B 15 -2.79 19.06 7.80
CA ILE B 15 -1.91 17.93 8.06
C ILE B 15 -1.26 17.99 9.44
N GLY B 16 -1.39 19.09 10.17
CA GLY B 16 -0.69 19.22 11.44
C GLY B 16 -1.32 20.26 12.33
N CYS B 17 -1.05 20.14 13.63
CA CYS B 17 -1.53 21.07 14.65
C CYS B 17 -0.48 21.13 15.75
N GLY B 18 0.40 22.12 15.68
CA GLY B 18 1.59 22.06 16.48
C GLY B 18 2.39 20.88 16.01
N PRO B 19 3.03 20.13 16.92
CA PRO B 19 3.85 18.99 16.52
C PRO B 19 3.08 17.71 16.30
N HIS B 20 1.75 17.72 16.36
CA HIS B 20 0.95 16.52 16.28
C HIS B 20 0.24 16.44 14.94
N ILE B 21 -0.14 15.22 14.57
CA ILE B 21 -1.11 14.99 13.50
C ILE B 21 -2.47 14.84 14.17
N PRO B 22 -3.45 15.69 13.83
CA PRO B 22 -4.66 15.82 14.64
C PRO B 22 -5.77 14.82 14.31
N TRP B 23 -5.44 13.53 14.30
CA TRP B 23 -6.42 12.45 14.16
C TRP B 23 -5.71 11.12 14.36
N SER B 24 -6.52 10.11 14.69
CA SER B 24 -6.09 8.72 14.72
C SER B 24 -7.06 7.95 13.84
N ALA B 25 -6.64 7.62 12.62
CA ALA B 25 -7.46 6.85 11.69
C ALA B 25 -6.84 5.47 11.64
N LYS B 26 -7.45 4.54 12.35
CA LYS B 26 -6.88 3.21 12.48
C LYS B 26 -6.75 2.55 11.12
N GLY B 27 -5.56 2.06 10.81
CA GLY B 27 -5.33 1.42 9.54
C GLY B 27 -4.48 2.23 8.59
N GLU B 28 -4.64 3.57 8.59
CA GLU B 28 -4.01 4.38 7.56
C GLU B 28 -2.48 4.29 7.64
N GLN B 29 -1.90 4.24 8.83
CA GLN B 29 -0.45 4.18 8.89
C GLN B 29 0.12 2.88 8.30
N LEU B 30 -0.71 1.84 8.12
CA LEU B 30 -0.22 0.66 7.43
C LEU B 30 0.21 0.98 6.01
N LEU B 31 -0.52 1.88 5.33
CA LEU B 31 -0.13 2.26 3.98
C LEU B 31 1.24 2.90 3.99
N PHE B 32 1.44 3.83 4.91
CA PHE B 32 2.75 4.42 5.11
C PHE B 32 3.80 3.37 5.41
N LYS B 33 3.53 2.46 6.35
CA LYS B 33 4.46 1.37 6.64
C LYS B 33 4.81 0.57 5.37
N ALA B 34 3.81 0.04 4.68
CA ALA B 34 4.08 -0.82 3.52
C ALA B 34 4.87 -0.10 2.44
N LEU B 35 4.54 1.15 2.14
CA LEU B 35 5.18 1.79 1.01
C LEU B 35 6.56 2.37 1.32
N THR B 36 6.90 2.55 2.59
CA THR B 36 8.22 3.04 2.95
C THR B 36 9.20 1.93 3.35
N TYR B 37 8.76 0.67 3.35
CA TYR B 37 9.62 -0.41 3.84
C TYR B 37 10.92 -0.49 3.05
N ASN B 38 12.06 -0.41 3.75
CA ASN B 38 13.39 -0.39 3.16
C ASN B 38 13.55 0.68 2.07
N GLN B 39 12.90 1.82 2.29
CA GLN B 39 13.00 2.96 1.38
C GLN B 39 13.71 4.10 2.07
N TRP B 40 14.17 5.05 1.26
CA TRP B 40 14.75 6.30 1.74
C TRP B 40 13.65 7.33 1.86
N LEU B 41 13.61 8.03 2.99
CA LEU B 41 12.66 9.10 3.19
C LEU B 41 13.38 10.42 3.30
N LEU B 42 12.76 11.47 2.77
CA LEU B 42 13.17 12.84 3.01
C LEU B 42 12.15 13.48 3.94
N VAL B 43 12.60 13.92 5.13
CA VAL B 43 11.75 14.58 6.10
C VAL B 43 12.42 15.87 6.55
N GLY B 44 11.59 16.81 7.03
CA GLY B 44 12.12 17.97 7.69
C GLY B 44 12.48 17.68 9.13
N ARG B 45 13.37 18.53 9.67
CA ARG B 45 13.86 18.36 11.03
C ARG B 45 12.71 18.20 12.02
N LYS B 46 11.71 19.07 11.91
CA LYS B 46 10.66 19.11 12.93
C LYS B 46 9.88 17.81 12.93
N THR B 47 9.49 17.36 11.74
CA THR B 47 8.81 16.08 11.60
C THR B 47 9.68 14.94 12.13
N PHE B 48 10.94 14.88 11.74
CA PHE B 48 11.78 13.78 12.19
C PHE B 48 11.90 13.74 13.72
N GLU B 49 12.04 14.90 14.35
CA GLU B 49 12.12 14.94 15.81
C GLU B 49 10.87 14.35 16.46
N SER B 50 9.72 14.48 15.82
CA SER B 50 8.48 13.98 16.40
C SER B 50 8.41 12.45 16.35
N MET B 51 8.58 11.89 15.16
N MET B 51 8.66 11.86 15.20
CA MET B 51 8.45 10.45 14.96
CA MET B 51 8.41 10.43 15.10
C MET B 51 9.62 9.69 15.56
C MET B 51 9.63 9.56 15.32
N GLY B 52 10.84 10.10 15.24
CA GLY B 52 12.03 9.31 15.56
C GLY B 52 12.35 8.31 14.48
N ALA B 53 13.43 7.54 14.69
CA ALA B 53 13.98 6.67 13.65
C ALA B 53 13.45 5.25 13.82
N LEU B 54 12.27 5.01 13.24
CA LEU B 54 11.70 3.67 13.23
C LEU B 54 12.48 2.77 12.24
N PRO B 55 12.45 1.46 12.44
CA PRO B 55 13.38 0.57 11.72
C PRO B 55 13.00 0.35 10.25
N ASN B 56 13.94 -0.25 9.52
CA ASN B 56 13.76 -0.65 8.10
C ASN B 56 13.50 0.54 7.18
N ARG B 57 14.07 1.70 7.50
CA ARG B 57 14.01 2.87 6.64
C ARG B 57 15.30 3.68 6.81
N LYS B 58 15.66 4.41 5.77
CA LYS B 58 16.76 5.37 5.86
C LYS B 58 16.16 6.76 5.78
N TYR B 59 16.78 7.72 6.46
CA TYR B 59 16.23 9.07 6.52
C TYR B 59 17.25 10.10 6.08
N ALA B 60 16.83 10.96 5.19
CA ALA B 60 17.51 12.20 4.87
C ALA B 60 16.73 13.29 5.58
N VAL B 61 17.39 14.04 6.44
CA VAL B 61 16.76 15.12 7.16
C VAL B 61 17.45 16.40 6.74
N VAL B 62 16.69 17.47 6.57
CA VAL B 62 17.25 18.77 6.22
C VAL B 62 17.02 19.70 7.39
N THR B 63 18.02 20.54 7.67
CA THR B 63 17.91 21.55 8.70
C THR B 63 18.74 22.75 8.27
N ARG B 64 18.32 23.93 8.70
CA ARG B 64 19.09 25.14 8.45
C ARG B 64 20.02 25.49 9.60
N SER B 65 19.98 24.73 10.70
CA SER B 65 20.73 25.03 11.91
C SER B 65 21.82 23.97 12.15
N ALA B 66 22.31 23.92 13.38
CA ALA B 66 23.36 22.98 13.78
C ALA B 66 22.82 21.62 14.24
N TRP B 67 21.49 21.41 14.19
CA TRP B 67 20.88 20.14 14.59
C TRP B 67 21.54 18.93 13.94
N THR B 68 21.70 17.84 14.69
CA THR B 68 22.27 16.60 14.17
C THR B 68 21.52 15.42 14.77
N ALA B 69 21.87 14.20 14.33
CA ALA B 69 21.19 12.99 14.78
C ALA B 69 22.20 11.90 15.09
N ASP B 70 21.98 11.18 16.19
CA ASP B 70 22.84 10.05 16.52
C ASP B 70 22.66 8.90 15.55
N ASN B 71 21.40 8.58 15.23
CA ASN B 71 21.08 7.31 14.59
C ASN B 71 21.86 7.14 13.29
N ASP B 72 22.42 5.96 13.09
CA ASP B 72 23.26 5.69 11.92
C ASP B 72 22.49 5.45 10.62
N ASN B 73 21.16 5.50 10.66
CA ASN B 73 20.33 5.41 9.46
C ASN B 73 19.84 6.78 9.01
N VAL B 74 20.47 7.87 9.47
CA VAL B 74 20.01 9.23 9.21
C VAL B 74 21.18 10.03 8.64
N ILE B 75 20.94 10.70 7.52
CA ILE B 75 21.90 11.67 6.98
C ILE B 75 21.27 13.04 7.03
N VAL B 76 22.01 14.01 7.56
CA VAL B 76 21.52 15.36 7.74
C VAL B 76 22.15 16.23 6.67
N PHE B 77 21.32 16.99 5.96
CA PHE B 77 21.76 17.85 4.87
C PHE B 77 21.45 19.30 5.20
N PRO B 78 22.23 20.25 4.67
CA PRO B 78 21.96 21.67 4.95
C PRO B 78 20.88 22.28 4.08
N SER B 79 20.39 21.58 3.06
CA SER B 79 19.48 22.19 2.09
C SER B 79 18.80 21.07 1.31
N ILE B 80 17.65 21.41 0.71
CA ILE B 80 16.94 20.44 -0.13
C ILE B 80 17.81 20.02 -1.30
N GLU B 81 18.48 20.99 -1.91
CA GLU B 81 19.31 20.71 -3.09
C GLU B 81 20.44 19.75 -2.77
N GLU B 82 21.10 19.94 -1.63
CA GLU B 82 22.19 19.04 -1.26
C GLU B 82 21.65 17.65 -0.93
N ALA B 83 20.46 17.59 -0.32
CA ALA B 83 19.87 16.30 0.00
C ALA B 83 19.55 15.52 -1.27
N MET B 84 18.98 16.21 -2.26
CA MET B 84 18.62 15.54 -3.51
C MET B 84 19.86 15.08 -4.24
N TYR B 85 20.85 15.96 -4.39
CA TYR B 85 22.12 15.60 -5.03
C TYR B 85 22.79 14.47 -4.29
N GLY B 86 22.74 14.49 -2.95
CA GLY B 86 23.39 13.45 -2.18
C GLY B 86 22.64 12.13 -2.26
N LEU B 87 21.32 12.18 -2.12
CA LEU B 87 20.52 10.97 -2.21
C LEU B 87 20.72 10.25 -3.54
N ALA B 88 20.90 11.02 -4.62
CA ALA B 88 20.99 10.42 -5.96
C ALA B 88 22.23 9.55 -6.11
N GLU B 89 23.28 9.84 -5.33
CA GLU B 89 24.46 9.00 -5.30
C GLU B 89 24.21 7.70 -4.53
N LEU B 90 23.16 7.66 -3.70
CA LEU B 90 22.89 6.56 -2.78
C LEU B 90 21.68 5.70 -3.09
N THR B 91 20.67 6.25 -3.75
CA THR B 91 19.44 5.50 -3.95
C THR B 91 18.86 5.84 -5.31
N ASP B 92 18.04 4.92 -5.81
N ASP B 92 18.04 4.92 -5.81
CA ASP B 92 17.32 5.14 -7.05
CA ASP B 92 17.30 5.11 -7.04
C ASP B 92 15.94 5.76 -6.81
C ASP B 92 15.96 5.81 -6.81
N HIS B 93 15.52 5.92 -5.55
CA HIS B 93 14.18 6.39 -5.24
C HIS B 93 14.16 6.97 -3.84
N VAL B 94 13.46 8.09 -3.67
CA VAL B 94 13.27 8.70 -2.36
C VAL B 94 11.80 9.08 -2.20
N ILE B 95 11.32 9.01 -0.97
CA ILE B 95 9.92 9.26 -0.65
C ILE B 95 9.89 10.44 0.30
N VAL B 96 9.44 11.59 -0.20
CA VAL B 96 9.23 12.74 0.65
C VAL B 96 8.10 12.42 1.60
N SER B 97 8.35 12.59 2.90
CA SER B 97 7.40 12.13 3.89
C SER B 97 6.95 13.23 4.82
N GLY B 98 7.26 14.47 4.52
CA GLY B 98 6.50 15.50 5.13
C GLY B 98 7.29 16.37 6.07
N GLY B 99 6.52 17.10 6.86
CA GLY B 99 6.63 18.53 7.00
C GLY B 99 5.81 19.25 5.94
N GLY B 100 4.90 20.12 6.37
CA GLY B 100 4.27 21.04 5.43
C GLY B 100 5.28 21.83 4.63
N GLU B 101 6.28 22.37 5.32
CA GLU B 101 7.37 23.07 4.64
C GLU B 101 8.04 22.18 3.60
N ILE B 102 8.38 20.94 3.99
CA ILE B 102 9.04 20.03 3.06
C ILE B 102 8.12 19.70 1.89
N TYR B 103 6.83 19.51 2.15
CA TYR B 103 5.89 19.20 1.06
C TYR B 103 5.85 20.31 0.02
N ARG B 104 5.70 21.58 0.47
CA ARG B 104 5.70 22.71 -0.47
C ARG B 104 6.98 22.75 -1.29
N GLU B 105 8.12 22.60 -0.61
CA GLU B 105 9.39 22.76 -1.34
C GLU B 105 9.68 21.60 -2.28
N THR B 106 9.03 20.44 -2.12
CA THR B 106 9.39 19.29 -2.93
C THR B 106 8.31 18.80 -3.88
N LEU B 107 7.04 19.10 -3.64
CA LEU B 107 5.97 18.74 -4.59
C LEU B 107 6.35 18.97 -6.04
N PRO B 108 6.89 20.13 -6.44
CA PRO B 108 7.29 20.30 -7.85
C PRO B 108 8.23 19.24 -8.38
N MET B 109 9.01 18.58 -7.54
CA MET B 109 9.95 17.59 -8.06
C MET B 109 9.44 16.16 -8.02
N ALA B 110 8.23 15.93 -7.51
CA ALA B 110 7.72 14.57 -7.37
C ALA B 110 7.10 14.08 -8.68
N SER B 111 7.36 12.82 -9.04
CA SER B 111 6.63 12.20 -10.15
C SER B 111 5.36 11.47 -9.71
N THR B 112 5.27 11.04 -8.45
CA THR B 112 4.17 10.20 -7.98
C THR B 112 3.73 10.69 -6.61
N LEU B 113 2.43 10.72 -6.37
CA LEU B 113 1.89 11.15 -5.08
C LEU B 113 1.04 10.05 -4.46
N HIS B 114 1.28 9.77 -3.17
CA HIS B 114 0.43 8.89 -2.37
C HIS B 114 -0.27 9.75 -1.34
N ILE B 115 -1.57 9.93 -1.50
CA ILE B 115 -2.33 10.83 -0.66
C ILE B 115 -3.44 10.02 -0.01
N SER B 116 -3.48 10.01 1.31
CA SER B 116 -4.63 9.52 2.05
C SER B 116 -5.44 10.72 2.51
N THR B 117 -6.71 10.77 2.15
CA THR B 117 -7.59 11.82 2.63
C THR B 117 -8.44 11.25 3.75
N ILE B 118 -8.35 11.88 4.92
CA ILE B 118 -8.97 11.45 6.16
C ILE B 118 -10.31 12.16 6.32
N ASP B 119 -11.34 11.41 6.73
CA ASP B 119 -12.70 11.94 6.81
C ASP B 119 -12.92 12.78 8.07
N ILE B 120 -12.19 13.88 8.16
CA ILE B 120 -12.25 14.76 9.32
C ILE B 120 -11.87 16.16 8.86
N GLU B 121 -12.31 17.17 9.60
CA GLU B 121 -11.99 18.57 9.30
C GLU B 121 -11.59 19.26 10.61
N PRO B 122 -10.45 18.90 11.17
CA PRO B 122 -10.04 19.45 12.46
C PRO B 122 -9.39 20.81 12.31
N GLU B 123 -9.26 21.50 13.44
CA GLU B 123 -8.48 22.73 13.41
C GLU B 123 -7.00 22.38 13.47
N GLY B 124 -6.20 23.16 12.76
CA GLY B 124 -4.77 22.93 12.70
C GLY B 124 -4.13 24.15 12.08
N ASP B 125 -2.80 24.16 12.11
CA ASP B 125 -2.03 25.29 11.59
C ASP B 125 -1.08 24.93 10.46
N VAL B 126 -0.99 23.67 10.06
CA VAL B 126 -0.16 23.28 8.92
C VAL B 126 -1.07 22.63 7.88
N PHE B 127 -0.86 22.98 6.62
CA PHE B 127 -1.75 22.57 5.54
C PHE B 127 -0.93 21.94 4.43
N PHE B 128 -1.57 21.02 3.72
CA PHE B 128 -0.95 20.40 2.55
C PHE B 128 -1.07 21.34 1.36
N PRO B 129 -0.11 21.32 0.43
CA PRO B 129 -0.17 22.25 -0.71
C PRO B 129 -1.25 21.88 -1.71
N ASN B 130 -1.60 22.88 -2.54
CA ASN B 130 -2.45 22.64 -3.71
C ASN B 130 -1.77 21.65 -4.65
N ILE B 131 -2.51 20.62 -5.07
CA ILE B 131 -2.00 19.67 -6.04
C ILE B 131 -2.17 20.29 -7.43
N PRO B 132 -1.09 20.45 -8.20
CA PRO B 132 -1.25 20.97 -9.57
C PRO B 132 -2.00 19.96 -10.45
N ASN B 133 -2.67 20.49 -11.47
CA ASN B 133 -3.42 19.60 -12.35
C ASN B 133 -2.55 18.92 -13.40
N THR B 134 -1.21 19.05 -13.30
CA THR B 134 -0.34 18.14 -14.05
C THR B 134 -0.30 16.74 -13.45
N PHE B 135 -0.93 16.53 -12.28
CA PHE B 135 -1.08 15.20 -11.66
C PHE B 135 -2.51 14.71 -11.86
N GLU B 136 -2.67 13.41 -12.06
CA GLU B 136 -4.00 12.81 -12.11
C GLU B 136 -4.05 11.51 -11.34
N VAL B 137 -5.22 11.23 -10.77
CA VAL B 137 -5.43 10.01 -10.00
C VAL B 137 -5.44 8.81 -10.93
N VAL B 138 -4.63 7.80 -10.62
CA VAL B 138 -4.64 6.54 -11.35
C VAL B 138 -5.10 5.38 -10.48
N PHE B 139 -5.33 5.60 -9.20
CA PHE B 139 -5.81 4.55 -8.31
C PHE B 139 -6.46 5.19 -7.11
N GLU B 140 -7.41 4.48 -6.53
CA GLU B 140 -8.20 5.05 -5.45
C GLU B 140 -8.80 3.88 -4.70
N GLN B 141 -8.78 3.92 -3.37
CA GLN B 141 -9.47 2.89 -2.61
C GLN B 141 -10.02 3.48 -1.33
N HIS B 142 -11.27 3.16 -1.00
CA HIS B 142 -11.90 3.67 0.20
C HIS B 142 -11.69 2.67 1.33
N PHE B 143 -11.50 3.20 2.54
CA PHE B 143 -11.35 2.41 3.75
C PHE B 143 -12.36 2.91 4.77
N SER B 144 -13.17 2.00 5.30
CA SER B 144 -13.94 2.29 6.50
C SER B 144 -13.12 1.95 7.74
N SER B 145 -13.15 2.84 8.72
CA SER B 145 -12.39 2.70 9.96
C SER B 145 -13.09 3.57 11.01
N ASN B 146 -12.44 3.78 12.16
CA ASN B 146 -13.02 4.69 13.15
C ASN B 146 -13.22 6.08 12.56
N ILE B 147 -12.24 6.55 11.79
CA ILE B 147 -12.41 7.65 10.86
C ILE B 147 -12.11 7.08 9.47
N ASN B 148 -13.07 7.20 8.54
CA ASN B 148 -12.83 6.70 7.19
C ASN B 148 -11.69 7.46 6.53
N TYR B 149 -11.05 6.81 5.56
CA TYR B 149 -10.05 7.49 4.75
C TYR B 149 -10.07 6.92 3.34
N CYS B 150 -9.59 7.73 2.41
CA CYS B 150 -9.54 7.37 1.00
C CYS B 150 -8.09 7.52 0.53
N TYR B 151 -7.55 6.44 -0.02
CA TYR B 151 -6.19 6.40 -0.54
C TYR B 151 -6.19 6.65 -2.04
N GLN B 152 -5.39 7.60 -2.49
CA GLN B 152 -5.28 7.88 -3.92
C GLN B 152 -3.82 7.95 -4.33
N ILE B 153 -3.50 7.31 -5.45
CA ILE B 153 -2.20 7.45 -6.10
C ILE B 153 -2.36 8.38 -7.29
N TRP B 154 -1.58 9.46 -7.32
CA TRP B 154 -1.53 10.38 -8.45
C TRP B 154 -0.20 10.22 -9.19
N GLN B 155 -0.24 10.29 -10.51
CA GLN B 155 0.96 10.36 -11.33
C GLN B 155 1.00 11.67 -12.10
N LYS B 156 2.20 12.24 -12.23
CA LYS B 156 2.42 13.42 -13.06
C LYS B 156 2.32 13.02 -14.53
N GLY B 157 1.60 13.82 -15.30
CA GLY B 157 1.51 13.60 -16.74
C GLY B 157 2.74 14.12 -17.46
#